data_8FOL
#
_entry.id   8FOL
#
_cell.length_a   49.653
_cell.length_b   59.011
_cell.length_c   96.792
_cell.angle_alpha   90.000
_cell.angle_beta   90.000
_cell.angle_gamma   90.000
#
_symmetry.space_group_name_H-M   'P 21 21 21'
#
loop_
_entity.id
_entity.type
_entity.pdbx_description
1 polymer 'Pyruvate formate-lyase 1-activating enzyme'
2 non-polymer 'IRON/SULFUR CLUSTER'
3 non-polymer S-ADENOSYLMETHIONINE
4 non-polymer 'POTASSIUM ION'
5 non-polymer 'CHLORIDE ION'
6 water water
#
_entity_poly.entity_id   1
_entity_poly.type   'polypeptide(L)'
_entity_poly.pdbx_seq_one_letter_code
;EVIGRIHSFESCGTVDGPGIRFITFFQGCLMRCLYCHNRDTWDTHGGKEVTVKDLMKEVVTYRHFMNASGGGVTASGGEA
ILQAEFVRDWFRECKKEGIHTCLDTNGFVRHYDPVIDELLEVTDLVMLDLKQMNDEIHKNLVGVSNHRTLRFAQYLAEKN
VKVWIRYVVVPGWSDDDDSAHRLGEFTRDMGNVEKIELLPYHELGKHKWVAMGEEYKLDGVEPPRAETMRRVKGILEQYG
HKVMF
;
_entity_poly.pdbx_strand_id   A
#
loop_
_chem_comp.id
_chem_comp.type
_chem_comp.name
_chem_comp.formula
CL non-polymer 'CHLORIDE ION' 'Cl -1'
K non-polymer 'POTASSIUM ION' 'K 1'
SAM non-polymer S-ADENOSYLMETHIONINE 'C15 H22 N6 O5 S'
SF4 non-polymer 'IRON/SULFUR CLUSTER' 'Fe4 S4'
#
# COMPACT_ATOMS: atom_id res chain seq x y z
N GLU A 1 -6.31 -25.39 -6.12
CA GLU A 1 -6.63 -24.09 -5.52
CA GLU A 1 -6.62 -24.09 -5.53
C GLU A 1 -5.38 -23.45 -4.92
N VAL A 2 -5.36 -22.12 -4.92
CA VAL A 2 -4.23 -21.36 -4.39
C VAL A 2 -4.48 -21.09 -2.91
N ILE A 3 -3.45 -21.30 -2.09
CA ILE A 3 -3.53 -21.11 -0.65
C ILE A 3 -2.88 -19.77 -0.30
N GLY A 4 -3.64 -18.90 0.34
CA GLY A 4 -3.14 -17.61 0.78
C GLY A 4 -2.72 -17.66 2.25
N ARG A 5 -1.70 -16.88 2.58
CA ARG A 5 -1.26 -16.75 3.96
C ARG A 5 -1.56 -15.33 4.42
N ILE A 6 -2.45 -15.20 5.40
CA ILE A 6 -2.91 -13.89 5.84
C ILE A 6 -2.54 -13.71 7.31
N HIS A 7 -2.27 -12.46 7.67
CA HIS A 7 -2.15 -12.10 9.08
C HIS A 7 -3.52 -12.05 9.74
N SER A 8 -4.46 -11.35 9.12
CA SER A 8 -5.81 -11.17 9.66
C SER A 8 -6.65 -10.52 8.58
N PHE A 9 -7.93 -10.30 8.90
CA PHE A 9 -8.80 -9.51 8.06
C PHE A 9 -9.75 -8.73 8.97
N GLU A 10 -10.36 -7.70 8.42
CA GLU A 10 -11.21 -6.83 9.23
C GLU A 10 -12.14 -6.05 8.32
N SER A 11 -13.35 -5.82 8.78
CA SER A 11 -14.24 -4.85 8.15
C SER A 11 -14.22 -3.56 8.96
N CYS A 12 -14.17 -2.45 8.24
CA CYS A 12 -14.03 -1.14 8.85
C CYS A 12 -14.61 -0.11 7.90
N GLY A 13 -15.20 0.93 8.47
CA GLY A 13 -15.77 1.98 7.65
C GLY A 13 -14.73 2.65 6.76
N THR A 14 -15.13 2.98 5.55
CA THR A 14 -14.25 3.70 4.65
C THR A 14 -13.84 5.03 5.26
N VAL A 15 -12.71 5.57 4.79
CA VAL A 15 -12.20 6.81 5.34
C VAL A 15 -13.22 7.93 5.16
N ASP A 16 -13.77 8.05 3.96
CA ASP A 16 -14.88 8.96 3.69
C ASP A 16 -15.98 8.19 2.96
N GLY A 17 -17.15 8.80 2.92
CA GLY A 17 -18.29 8.21 2.25
C GLY A 17 -18.88 7.06 3.03
N PRO A 18 -20.07 6.61 2.62
CA PRO A 18 -20.72 5.51 3.32
C PRO A 18 -20.01 4.19 3.08
N GLY A 19 -20.57 3.10 3.58
CA GLY A 19 -20.06 1.79 3.27
C GLY A 19 -18.79 1.44 4.01
N ILE A 20 -18.45 0.15 3.96
CA ILE A 20 -17.33 -0.40 4.68
C ILE A 20 -16.30 -0.93 3.70
N ARG A 21 -15.08 -1.09 4.20
CA ARG A 21 -13.98 -1.69 3.46
C ARG A 21 -13.62 -3.00 4.15
N PHE A 22 -13.67 -4.11 3.39
CA PHE A 22 -13.18 -5.38 3.90
C PHE A 22 -11.72 -5.52 3.51
N ILE A 23 -10.84 -5.38 4.50
CA ILE A 23 -9.40 -5.41 4.29
C ILE A 23 -8.88 -6.78 4.71
N THR A 24 -8.12 -7.42 3.84
CA THR A 24 -7.38 -8.63 4.17
C THR A 24 -5.90 -8.26 4.29
N PHE A 25 -5.33 -8.50 5.47
CA PHE A 25 -3.92 -8.20 5.74
C PHE A 25 -3.10 -9.44 5.46
N PHE A 26 -2.48 -9.48 4.28
CA PHE A 26 -1.72 -10.65 3.86
C PHE A 26 -0.39 -10.73 4.60
N GLN A 27 0.04 -11.97 4.85
CA GLN A 27 1.24 -12.25 5.62
C GLN A 27 2.44 -12.33 4.69
N GLY A 28 3.52 -11.64 5.06
CA GLY A 28 4.75 -11.71 4.28
C GLY A 28 5.14 -10.41 3.60
N CYS A 29 6.34 -9.94 3.86
CA CYS A 29 6.87 -8.75 3.20
C CYS A 29 8.39 -8.86 3.10
N LEU A 30 8.95 -8.35 2.02
CA LEU A 30 10.39 -8.39 1.78
C LEU A 30 11.07 -7.03 1.91
N MET A 31 10.35 -5.99 2.32
CA MET A 31 10.97 -4.73 2.68
C MET A 31 11.12 -4.63 4.19
N ARG A 32 11.95 -3.69 4.63
CA ARG A 32 12.34 -3.57 6.04
C ARG A 32 12.24 -2.12 6.50
N CYS A 33 11.10 -1.49 6.26
CA CYS A 33 10.92 -0.08 6.62
C CYS A 33 11.09 0.10 8.12
N LEU A 34 11.95 1.06 8.49
CA LEU A 34 12.19 1.35 9.89
C LEU A 34 10.92 1.75 10.63
N TYR A 35 9.91 2.25 9.91
CA TYR A 35 8.71 2.78 10.54
C TYR A 35 7.53 1.83 10.49
N CYS A 36 7.73 0.58 10.08
CA CYS A 36 6.63 -0.35 9.84
C CYS A 36 5.76 -0.51 11.08
N HIS A 37 4.48 -0.18 10.94
CA HIS A 37 3.55 -0.37 12.05
C HIS A 37 2.91 -1.75 12.06
N ASN A 38 3.25 -2.61 11.08
CA ASN A 38 2.79 -3.99 11.05
C ASN A 38 3.99 -4.93 11.01
N ARG A 39 4.88 -4.79 11.99
CA ARG A 39 6.14 -5.54 11.98
C ARG A 39 5.90 -7.04 11.95
N ASP A 40 4.81 -7.50 12.56
CA ASP A 40 4.51 -8.93 12.62
C ASP A 40 3.95 -9.49 11.32
N THR A 41 3.99 -8.73 10.22
CA THR A 41 3.55 -9.22 8.92
C THR A 41 4.71 -9.54 7.99
N TRP A 42 5.95 -9.48 8.47
CA TRP A 42 7.11 -9.68 7.61
C TRP A 42 7.31 -11.15 7.25
N ASP A 43 7.27 -12.02 8.26
CA ASP A 43 7.49 -13.45 8.05
C ASP A 43 6.58 -13.99 6.97
N THR A 44 7.18 -14.50 5.89
CA THR A 44 6.39 -15.05 4.79
C THR A 44 5.78 -16.40 5.14
N HIS A 45 6.37 -17.14 6.08
CA HIS A 45 5.89 -18.46 6.47
C HIS A 45 4.97 -18.43 7.68
N GLY A 46 4.67 -17.25 8.22
CA GLY A 46 3.77 -17.12 9.35
C GLY A 46 2.31 -17.00 8.92
N GLY A 47 1.50 -16.46 9.83
CA GLY A 47 0.11 -16.25 9.54
C GLY A 47 -0.69 -17.53 9.36
N LYS A 48 -1.92 -17.34 8.87
CA LYS A 48 -2.89 -18.40 8.70
C LYS A 48 -3.09 -18.69 7.22
N GLU A 49 -3.35 -19.97 6.91
CA GLU A 49 -3.67 -20.37 5.55
C GLU A 49 -5.17 -20.21 5.30
N VAL A 50 -5.52 -19.60 4.17
CA VAL A 50 -6.92 -19.43 3.77
C VAL A 50 -7.02 -19.67 2.26
N THR A 51 -8.22 -20.00 1.81
CA THR A 51 -8.54 -20.08 0.40
C THR A 51 -9.42 -18.90 0.01
N VAL A 52 -9.61 -18.72 -1.30
CA VAL A 52 -10.51 -17.68 -1.78
C VAL A 52 -11.93 -17.98 -1.33
N LYS A 53 -12.31 -19.27 -1.32
CA LYS A 53 -13.63 -19.65 -0.83
C LYS A 53 -13.79 -19.30 0.65
N ASP A 54 -12.72 -19.48 1.44
CA ASP A 54 -12.76 -19.05 2.84
C ASP A 54 -12.97 -17.56 2.94
N LEU A 55 -12.25 -16.80 2.12
CA LEU A 55 -12.27 -15.34 2.24
C LEU A 55 -13.61 -14.78 1.81
N MET A 56 -14.21 -15.35 0.75
CA MET A 56 -15.49 -14.86 0.27
C MET A 56 -16.62 -15.13 1.24
N LYS A 57 -16.47 -16.10 2.15
CA LYS A 57 -17.50 -16.33 3.16
C LYS A 57 -17.58 -15.18 4.14
N GLU A 58 -16.45 -14.55 4.45
CA GLU A 58 -16.48 -13.37 5.31
C GLU A 58 -16.92 -12.15 4.53
N VAL A 59 -16.50 -12.05 3.27
CA VAL A 59 -16.81 -10.86 2.48
C VAL A 59 -18.32 -10.68 2.33
N VAL A 60 -19.03 -11.77 2.04
CA VAL A 60 -20.43 -11.63 1.65
C VAL A 60 -21.31 -11.25 2.83
N THR A 61 -20.84 -11.47 4.07
CA THR A 61 -21.60 -11.02 5.23
C THR A 61 -21.66 -9.51 5.34
N TYR A 62 -20.89 -8.77 4.53
CA TYR A 62 -20.93 -7.30 4.54
C TYR A 62 -21.44 -6.75 3.21
N ARG A 63 -22.19 -7.55 2.44
CA ARG A 63 -22.45 -7.20 1.06
C ARG A 63 -23.25 -5.92 0.93
N HIS A 64 -24.21 -5.68 1.84
CA HIS A 64 -25.03 -4.49 1.75
C HIS A 64 -24.30 -3.21 2.14
N PHE A 65 -23.11 -3.30 2.72
CA PHE A 65 -22.30 -2.12 2.97
C PHE A 65 -21.20 -1.92 1.94
N MET A 66 -21.06 -2.86 0.99
CA MET A 66 -19.99 -2.77 0.01
C MET A 66 -20.47 -2.32 -1.36
N ASN A 67 -21.76 -2.48 -1.66
CA ASN A 67 -22.38 -1.76 -2.76
C ASN A 67 -22.45 -0.26 -2.48
N ALA A 68 -22.45 0.14 -1.20
CA ALA A 68 -22.40 1.56 -0.87
C ALA A 68 -21.10 2.19 -1.38
N SER A 69 -21.16 3.49 -1.64
CA SER A 69 -20.05 4.19 -2.27
C SER A 69 -18.78 4.09 -1.42
N GLY A 70 -17.64 3.99 -2.11
CA GLY A 70 -16.36 3.80 -1.45
C GLY A 70 -16.14 2.43 -0.85
N GLY A 71 -17.18 1.59 -0.81
CA GLY A 71 -17.05 0.25 -0.25
C GLY A 71 -16.47 -0.76 -1.22
N GLY A 72 -15.87 -1.80 -0.65
CA GLY A 72 -15.34 -2.90 -1.43
C GLY A 72 -14.32 -3.65 -0.59
N VAL A 73 -13.39 -4.31 -1.30
CA VAL A 73 -12.35 -5.09 -0.66
C VAL A 73 -11.00 -4.44 -0.93
N THR A 74 -10.02 -4.75 -0.07
CA THR A 74 -8.67 -4.22 -0.18
C THR A 74 -7.69 -5.32 0.25
N ALA A 75 -6.69 -5.58 -0.57
CA ALA A 75 -5.62 -6.50 -0.25
C ALA A 75 -4.44 -5.70 0.30
N SER A 76 -4.11 -5.91 1.56
CA SER A 76 -3.04 -5.16 2.22
C SER A 76 -2.11 -6.11 2.96
N GLY A 77 -1.43 -5.62 3.99
CA GLY A 77 -0.52 -6.46 4.75
C GLY A 77 0.51 -5.68 5.53
N GLY A 78 1.79 -6.04 5.43
CA GLY A 78 2.22 -7.10 4.54
C GLY A 78 2.25 -6.63 3.10
N GLU A 79 2.76 -7.45 2.20
CA GLU A 79 2.80 -7.13 0.78
C GLU A 79 1.95 -8.14 0.03
N ALA A 80 0.75 -7.73 -0.38
CA ALA A 80 -0.19 -8.63 -1.04
C ALA A 80 0.33 -9.07 -2.41
N ILE A 81 1.15 -8.25 -3.07
CA ILE A 81 1.61 -8.57 -4.41
C ILE A 81 2.63 -9.70 -4.42
N LEU A 82 3.20 -10.06 -3.27
CA LEU A 82 4.00 -11.28 -3.20
C LEU A 82 3.13 -12.50 -3.44
N GLN A 83 1.84 -12.40 -3.13
CA GLN A 83 0.89 -13.48 -3.36
C GLN A 83 -0.08 -13.08 -4.48
N ALA A 84 0.48 -12.69 -5.64
CA ALA A 84 -0.33 -12.09 -6.70
C ALA A 84 -1.38 -13.08 -7.24
N GLU A 85 -1.04 -14.36 -7.33
CA GLU A 85 -1.98 -15.34 -7.88
C GLU A 85 -3.21 -15.46 -6.99
N PHE A 86 -3.03 -15.53 -5.67
CA PHE A 86 -4.17 -15.60 -4.77
C PHE A 86 -4.99 -14.31 -4.84
N VAL A 87 -4.32 -13.16 -4.77
CA VAL A 87 -5.04 -11.89 -4.83
C VAL A 87 -5.77 -11.73 -6.15
N ARG A 88 -5.21 -12.29 -7.23
CA ARG A 88 -5.90 -12.27 -8.52
C ARG A 88 -7.17 -13.12 -8.47
N ASP A 89 -7.06 -14.33 -7.90
CA ASP A 89 -8.23 -15.19 -7.79
C ASP A 89 -9.28 -14.57 -6.87
N TRP A 90 -8.84 -13.91 -5.80
CA TRP A 90 -9.78 -13.27 -4.87
C TRP A 90 -10.50 -12.12 -5.56
N PHE A 91 -9.75 -11.22 -6.21
CA PHE A 91 -10.37 -10.11 -6.92
C PHE A 91 -11.28 -10.62 -8.04
N ARG A 92 -10.88 -11.69 -8.72
CA ARG A 92 -11.72 -12.26 -9.77
C ARG A 92 -13.08 -12.66 -9.22
N GLU A 93 -13.12 -13.22 -8.00
CA GLU A 93 -14.40 -13.58 -7.40
C GLU A 93 -15.17 -12.34 -6.99
N CYS A 94 -14.48 -11.30 -6.53
CA CYS A 94 -15.18 -10.07 -6.16
C CYS A 94 -15.77 -9.37 -7.38
N LYS A 95 -15.09 -9.44 -8.52
CA LYS A 95 -15.66 -8.84 -9.74
C LYS A 95 -16.93 -9.57 -10.16
N LYS A 96 -17.01 -10.88 -9.92
CA LYS A 96 -18.24 -11.60 -10.17
C LYS A 96 -19.38 -11.08 -9.29
N GLU A 97 -19.06 -10.64 -8.07
CA GLU A 97 -20.06 -10.12 -7.14
C GLU A 97 -20.21 -8.60 -7.23
N GLY A 98 -19.69 -7.98 -8.28
CA GLY A 98 -19.79 -6.54 -8.44
C GLY A 98 -19.11 -5.74 -7.35
N ILE A 99 -17.98 -6.22 -6.86
CA ILE A 99 -17.29 -5.60 -5.73
C ILE A 99 -16.10 -4.80 -6.24
N HIS A 100 -15.90 -3.63 -5.65
CA HIS A 100 -14.74 -2.80 -5.95
C HIS A 100 -13.51 -3.35 -5.23
N THR A 101 -12.40 -3.48 -5.97
CA THR A 101 -11.16 -4.06 -5.46
C THR A 101 -10.06 -3.02 -5.39
N CYS A 102 -9.22 -3.13 -4.36
CA CYS A 102 -8.11 -2.20 -4.12
C CYS A 102 -6.88 -2.96 -3.69
N LEU A 103 -5.73 -2.58 -4.23
CA LEU A 103 -4.46 -3.22 -3.92
C LEU A 103 -3.55 -2.22 -3.22
N ASP A 104 -3.21 -2.51 -1.97
CA ASP A 104 -2.32 -1.68 -1.15
C ASP A 104 -0.94 -2.32 -1.22
N THR A 105 -0.07 -1.78 -2.06
CA THR A 105 1.18 -2.43 -2.43
C THR A 105 2.36 -1.48 -2.36
N ASN A 106 3.53 -2.02 -2.00
CA ASN A 106 4.77 -1.28 -2.07
C ASN A 106 5.44 -1.37 -3.43
N GLY A 107 4.83 -2.09 -4.37
CA GLY A 107 5.34 -2.18 -5.72
C GLY A 107 6.68 -2.86 -5.87
N PHE A 108 7.07 -3.67 -4.89
CA PHE A 108 8.33 -4.41 -4.94
C PHE A 108 8.17 -5.65 -5.84
N VAL A 109 7.88 -5.38 -7.12
CA VAL A 109 7.67 -6.42 -8.11
C VAL A 109 9.00 -6.77 -8.77
N ARG A 110 9.46 -8.00 -8.57
CA ARG A 110 10.76 -8.42 -9.05
C ARG A 110 10.69 -9.22 -10.34
N HIS A 111 9.53 -9.82 -10.64
CA HIS A 111 9.35 -10.61 -11.85
C HIS A 111 8.04 -10.21 -12.50
N TYR A 112 8.08 -10.00 -13.82
CA TYR A 112 6.92 -9.56 -14.57
C TYR A 112 6.34 -10.73 -15.36
N ASP A 113 5.72 -11.64 -14.63
CA ASP A 113 5.02 -12.78 -15.20
C ASP A 113 3.58 -12.40 -15.51
N PRO A 114 2.87 -13.19 -16.32
CA PRO A 114 1.50 -12.81 -16.70
C PRO A 114 0.55 -12.63 -15.53
N VAL A 115 0.85 -13.17 -14.35
CA VAL A 115 -0.05 -13.02 -13.21
C VAL A 115 -0.18 -11.56 -12.80
N ILE A 116 0.82 -10.73 -13.12
CA ILE A 116 0.76 -9.32 -12.75
C ILE A 116 -0.31 -8.60 -13.56
N ASP A 117 -0.29 -8.77 -14.88
CA ASP A 117 -1.33 -8.18 -15.73
C ASP A 117 -2.71 -8.73 -15.37
N GLU A 118 -2.79 -10.04 -15.13
CA GLU A 118 -4.08 -10.65 -14.76
C GLU A 118 -4.61 -10.06 -13.47
N LEU A 119 -3.74 -9.82 -12.49
CA LEU A 119 -4.16 -9.20 -11.25
C LEU A 119 -4.62 -7.77 -11.49
N LEU A 120 -3.85 -7.00 -12.26
CA LEU A 120 -4.21 -5.61 -12.54
C LEU A 120 -5.52 -5.49 -13.30
N GLU A 121 -5.88 -6.50 -14.10
CA GLU A 121 -7.11 -6.43 -14.85
C GLU A 121 -8.34 -6.43 -13.94
N VAL A 122 -8.24 -7.09 -12.79
CA VAL A 122 -9.34 -7.16 -11.84
C VAL A 122 -9.07 -6.26 -10.63
N THR A 123 -8.20 -5.28 -10.78
CA THR A 123 -7.89 -4.31 -9.72
C THR A 123 -8.40 -2.95 -10.14
N ASP A 124 -9.31 -2.39 -9.34
CA ASP A 124 -9.91 -1.10 -9.66
C ASP A 124 -9.01 0.06 -9.23
N LEU A 125 -8.42 -0.04 -8.05
CA LEU A 125 -7.59 1.03 -7.51
C LEU A 125 -6.31 0.46 -6.94
N VAL A 126 -5.20 1.11 -7.23
CA VAL A 126 -3.89 0.73 -6.68
C VAL A 126 -3.38 1.87 -5.82
N MET A 127 -3.15 1.58 -4.54
CA MET A 127 -2.54 2.53 -3.62
C MET A 127 -1.06 2.16 -3.53
N LEU A 128 -0.22 2.92 -4.24
CA LEU A 128 1.20 2.61 -4.38
C LEU A 128 2.00 3.47 -3.41
N ASP A 129 2.90 2.83 -2.68
CA ASP A 129 3.80 3.53 -1.75
C ASP A 129 5.10 3.86 -2.45
N LEU A 130 5.37 5.14 -2.61
CA LEU A 130 6.68 5.63 -3.01
C LEU A 130 7.33 6.17 -1.74
N LYS A 131 8.19 5.36 -1.13
CA LYS A 131 8.68 5.66 0.21
C LYS A 131 9.80 6.71 0.21
N GLN A 132 10.60 6.76 -0.86
CA GLN A 132 11.65 7.76 -0.99
C GLN A 132 12.26 7.71 -2.39
N MET A 133 12.22 8.83 -3.10
CA MET A 133 12.82 8.89 -4.43
C MET A 133 14.34 8.83 -4.38
N ASN A 134 14.94 9.39 -3.33
CA ASN A 134 16.39 9.35 -3.16
C ASN A 134 16.79 7.94 -2.76
N ASP A 135 17.40 7.20 -3.68
CA ASP A 135 17.66 5.78 -3.44
C ASP A 135 18.71 5.58 -2.35
N GLU A 136 19.61 6.54 -2.18
CA GLU A 136 20.57 6.46 -1.07
C GLU A 136 19.84 6.47 0.27
N ILE A 137 18.86 7.36 0.43
CA ILE A 137 18.05 7.36 1.65
C ILE A 137 17.17 6.11 1.70
N HIS A 138 16.59 5.75 0.56
CA HIS A 138 15.66 4.61 0.51
C HIS A 138 16.31 3.33 1.03
N LYS A 139 17.58 3.11 0.70
CA LYS A 139 18.26 1.92 1.18
C LYS A 139 18.41 1.94 2.70
N ASN A 140 18.67 3.11 3.27
CA ASN A 140 18.78 3.21 4.72
C ASN A 140 17.42 3.18 5.40
N LEU A 141 16.37 3.59 4.70
CA LEU A 141 15.04 3.64 5.27
C LEU A 141 14.27 2.34 5.10
N VAL A 142 14.49 1.63 4.00
CA VAL A 142 13.70 0.46 3.67
C VAL A 142 14.53 -0.82 3.63
N GLY A 143 15.84 -0.74 3.41
CA GLY A 143 16.67 -1.92 3.31
C GLY A 143 16.88 -2.43 1.90
N VAL A 144 16.11 -1.94 0.92
CA VAL A 144 16.23 -2.34 -0.47
C VAL A 144 16.27 -1.09 -1.34
N SER A 145 16.46 -1.31 -2.64
CA SER A 145 16.47 -0.25 -3.63
C SER A 145 15.06 0.02 -4.13
N ASN A 146 14.79 1.29 -4.45
CA ASN A 146 13.48 1.67 -4.97
C ASN A 146 13.32 1.40 -6.46
N HIS A 147 14.32 0.79 -7.10
CA HIS A 147 14.28 0.62 -8.55
C HIS A 147 13.08 -0.23 -8.98
N ARG A 148 12.83 -1.33 -8.27
CA ARG A 148 11.68 -2.18 -8.59
C ARG A 148 10.38 -1.40 -8.47
N THR A 149 10.24 -0.61 -7.41
CA THR A 149 8.99 0.12 -7.23
C THR A 149 8.84 1.22 -8.27
N LEU A 150 9.93 1.94 -8.57
CA LEU A 150 9.86 2.96 -9.61
C LEU A 150 9.49 2.36 -10.95
N ARG A 151 10.05 1.19 -11.28
CA ARG A 151 9.70 0.53 -12.53
C ARG A 151 8.24 0.07 -12.51
N PHE A 152 7.75 -0.37 -11.36
CA PHE A 152 6.35 -0.80 -11.27
C PHE A 152 5.42 0.40 -11.41
N ALA A 153 5.80 1.57 -10.87
CA ALA A 153 4.99 2.76 -11.03
C ALA A 153 4.85 3.14 -12.50
N GLN A 154 5.96 3.08 -13.24
CA GLN A 154 5.90 3.35 -14.67
C GLN A 154 5.08 2.29 -15.40
N TYR A 155 5.11 1.06 -14.91
CA TYR A 155 4.29 0.01 -15.52
C TYR A 155 2.81 0.30 -15.34
N LEU A 156 2.43 0.78 -14.16
CA LEU A 156 1.03 1.11 -13.90
C LEU A 156 0.55 2.27 -14.77
N ALA A 157 1.42 3.27 -14.99
CA ALA A 157 1.04 4.39 -15.84
C ALA A 157 0.87 3.95 -17.29
N GLU A 158 1.75 3.06 -17.77
CA GLU A 158 1.64 2.56 -19.13
C GLU A 158 0.32 1.82 -19.34
N LYS A 159 -0.11 1.07 -18.33
CA LYS A 159 -1.37 0.35 -18.36
C LYS A 159 -2.56 1.22 -17.99
N ASN A 160 -2.34 2.50 -17.71
CA ASN A 160 -3.40 3.44 -17.30
C ASN A 160 -4.22 2.89 -16.13
N VAL A 161 -3.52 2.34 -15.14
CA VAL A 161 -4.17 1.81 -13.94
C VAL A 161 -4.36 2.94 -12.93
N LYS A 162 -5.59 3.08 -12.43
CA LYS A 162 -5.88 4.09 -11.43
C LYS A 162 -4.98 3.92 -10.21
N VAL A 163 -4.30 4.99 -9.82
CA VAL A 163 -3.25 4.92 -8.80
C VAL A 163 -3.36 6.09 -7.84
N TRP A 164 -3.33 5.79 -6.54
CA TRP A 164 -3.11 6.79 -5.50
C TRP A 164 -1.68 6.63 -4.99
N ILE A 165 -0.90 7.70 -5.08
CA ILE A 165 0.46 7.67 -4.55
C ILE A 165 0.42 7.99 -3.06
N ARG A 166 1.03 7.13 -2.25
CA ARG A 166 1.12 7.31 -0.81
C ARG A 166 2.55 7.64 -0.43
N TYR A 167 2.75 8.75 0.28
CA TYR A 167 4.07 9.21 0.71
C TYR A 167 4.07 9.40 2.22
N VAL A 168 4.77 8.52 2.94
CA VAL A 168 4.87 8.62 4.39
C VAL A 168 5.96 9.63 4.74
N VAL A 169 5.56 10.75 5.34
CA VAL A 169 6.48 11.84 5.65
C VAL A 169 7.07 11.59 7.03
N VAL A 170 8.35 11.24 7.07
CA VAL A 170 9.07 10.94 8.31
C VAL A 170 10.09 12.04 8.57
N PRO A 171 10.07 12.68 9.73
CA PRO A 171 11.06 13.75 9.99
C PRO A 171 12.49 13.22 9.97
N GLY A 172 13.33 13.88 9.18
CA GLY A 172 14.71 13.48 9.01
C GLY A 172 14.95 12.46 7.91
N TRP A 173 13.90 11.92 7.29
CA TRP A 173 14.08 10.87 6.30
C TRP A 173 13.39 11.22 4.99
N SER A 174 12.14 11.68 5.06
CA SER A 174 11.39 11.98 3.85
C SER A 174 10.64 13.30 3.98
N ASP A 175 11.14 14.21 4.82
CA ASP A 175 10.49 15.51 5.02
C ASP A 175 11.26 16.64 4.34
N ASP A 176 12.33 16.33 3.63
CA ASP A 176 13.17 17.36 3.02
C ASP A 176 12.55 17.85 1.72
N ASP A 177 13.04 18.99 1.27
CA ASP A 177 12.48 19.60 0.08
C ASP A 177 12.88 18.86 -1.17
N ASP A 178 14.15 18.43 -1.26
CA ASP A 178 14.62 17.78 -2.47
C ASP A 178 13.85 16.50 -2.77
N SER A 179 13.64 15.67 -1.74
CA SER A 179 12.91 14.42 -1.95
C SER A 179 11.48 14.68 -2.40
N ALA A 180 10.86 15.76 -1.93
CA ALA A 180 9.52 16.12 -2.39
C ALA A 180 9.54 16.53 -3.86
N HIS A 181 10.52 17.36 -4.25
CA HIS A 181 10.63 17.76 -5.64
C HIS A 181 10.85 16.56 -6.55
N ARG A 182 11.69 15.62 -6.12
CA ARG A 182 11.91 14.41 -6.90
C ARG A 182 10.61 13.63 -7.08
N LEU A 183 9.79 13.55 -6.02
CA LEU A 183 8.52 12.84 -6.12
C LEU A 183 7.56 13.55 -7.05
N GLY A 184 7.57 14.90 -7.03
CA GLY A 184 6.70 15.63 -7.93
C GLY A 184 7.11 15.50 -9.38
N GLU A 185 8.41 15.54 -9.66
CA GLU A 185 8.89 15.36 -11.02
C GLU A 185 8.56 13.96 -11.54
N PHE A 186 8.77 12.93 -10.72
CA PHE A 186 8.63 11.56 -11.18
C PHE A 186 7.19 11.24 -11.54
N THR A 187 6.23 11.79 -10.79
CA THR A 187 4.81 11.50 -10.98
C THR A 187 4.09 12.57 -11.78
N ARG A 188 4.81 13.53 -12.37
CA ARG A 188 4.16 14.64 -13.04
C ARG A 188 3.39 14.18 -14.27
N ASP A 189 4.01 13.35 -15.11
CA ASP A 189 3.40 12.93 -16.36
C ASP A 189 2.50 11.70 -16.22
N MET A 190 2.29 11.20 -15.01
CA MET A 190 1.45 10.02 -14.80
C MET A 190 0.00 10.48 -14.66
N GLY A 191 -0.73 10.46 -15.78
CA GLY A 191 -2.13 10.86 -15.77
C GLY A 191 -3.03 9.92 -15.00
N ASN A 192 -2.61 8.66 -14.82
CA ASN A 192 -3.40 7.67 -14.08
C ASN A 192 -3.38 7.92 -12.58
N VAL A 193 -2.47 8.74 -12.08
CA VAL A 193 -2.42 9.09 -10.66
C VAL A 193 -3.55 10.08 -10.39
N GLU A 194 -4.59 9.63 -9.67
CA GLU A 194 -5.68 10.53 -9.31
C GLU A 194 -5.24 11.56 -8.29
N LYS A 195 -4.35 11.18 -7.36
CA LYS A 195 -3.94 12.09 -6.30
C LYS A 195 -2.73 11.51 -5.58
N ILE A 196 -1.99 12.39 -4.92
CA ILE A 196 -0.88 12.03 -4.05
C ILE A 196 -1.35 12.26 -2.62
N GLU A 197 -1.12 11.27 -1.77
CA GLU A 197 -1.62 11.32 -0.40
C GLU A 197 -0.45 11.27 0.58
N LEU A 198 -0.26 12.36 1.31
CA LEU A 198 0.79 12.46 2.32
C LEU A 198 0.32 11.84 3.62
N LEU A 199 1.03 10.82 4.09
CA LEU A 199 0.74 10.22 5.37
C LEU A 199 1.76 10.68 6.37
N PRO A 200 1.36 11.38 7.44
CA PRO A 200 2.31 11.73 8.49
C PRO A 200 2.78 10.49 9.25
N TYR A 201 4.06 10.51 9.63
CA TYR A 201 4.61 9.41 10.41
C TYR A 201 3.98 9.35 11.80
N HIS A 202 3.67 8.13 12.25
CA HIS A 202 3.17 7.90 13.60
C HIS A 202 3.92 6.72 14.22
N GLU A 203 4.03 6.73 15.54
CA GLU A 203 4.77 5.72 16.27
C GLU A 203 3.92 4.50 16.60
N LEU A 204 2.71 4.40 16.04
CA LEU A 204 1.86 3.26 16.30
C LEU A 204 2.53 1.97 15.81
N GLY A 205 2.36 0.90 16.58
CA GLY A 205 2.92 -0.39 16.22
C GLY A 205 4.32 -0.66 16.73
N LYS A 206 4.86 0.20 17.60
CA LYS A 206 6.21 -0.01 18.12
C LYS A 206 6.28 -1.25 19.00
N HIS A 207 5.17 -1.62 19.66
CA HIS A 207 5.16 -2.81 20.49
C HIS A 207 5.44 -4.07 19.69
N LYS A 208 5.07 -4.09 18.40
CA LYS A 208 5.31 -5.27 17.57
C LYS A 208 6.80 -5.51 17.35
N TRP A 209 7.61 -4.44 17.28
CA TRP A 209 9.06 -4.59 17.22
C TRP A 209 9.61 -5.14 18.53
N VAL A 210 9.06 -4.69 19.66
CA VAL A 210 9.55 -5.14 20.96
C VAL A 210 9.18 -6.59 21.20
N ALA A 211 8.01 -7.03 20.72
CA ALA A 211 7.59 -8.42 20.90
C ALA A 211 8.56 -9.39 20.23
N MET A 212 9.19 -8.96 19.13
CA MET A 212 10.16 -9.79 18.43
C MET A 212 11.59 -9.49 18.84
N GLY A 213 11.79 -8.87 20.00
CA GLY A 213 13.12 -8.64 20.54
C GLY A 213 14.01 -7.77 19.68
N GLU A 214 13.43 -6.94 18.83
CA GLU A 214 14.19 -6.08 17.93
C GLU A 214 13.97 -4.63 18.30
N GLU A 215 15.04 -3.84 18.24
CA GLU A 215 14.99 -2.44 18.63
C GLU A 215 14.31 -1.61 17.54
N TYR A 216 13.38 -0.75 17.95
CA TYR A 216 12.75 0.20 17.04
C TYR A 216 13.73 1.33 16.75
N LYS A 217 14.12 1.48 15.48
CA LYS A 217 15.18 2.41 15.12
C LYS A 217 14.75 3.86 15.32
N LEU A 218 13.50 4.19 15.00
CA LEU A 218 13.02 5.56 15.04
C LEU A 218 12.54 5.98 16.42
N ASP A 219 13.23 5.55 17.47
CA ASP A 219 12.88 5.99 18.82
C ASP A 219 13.13 7.49 18.96
N GLY A 220 12.17 8.20 19.55
CA GLY A 220 12.27 9.62 19.74
C GLY A 220 11.79 10.46 18.58
N VAL A 221 11.71 9.88 17.37
CA VAL A 221 11.21 10.62 16.21
C VAL A 221 9.72 10.88 16.39
N GLU A 222 9.33 12.14 16.27
CA GLU A 222 7.96 12.60 16.47
C GLU A 222 7.24 12.75 15.15
N PRO A 223 5.91 12.83 15.16
CA PRO A 223 5.19 13.08 13.93
C PRO A 223 5.61 14.40 13.31
N PRO A 224 5.50 14.53 11.99
CA PRO A 224 5.85 15.81 11.36
C PRO A 224 4.89 16.92 11.77
N ARG A 225 5.41 18.15 11.75
CA ARG A 225 4.60 19.31 12.06
C ARG A 225 3.61 19.60 10.94
N ALA A 226 2.54 20.31 11.30
CA ALA A 226 1.56 20.71 10.29
C ALA A 226 2.21 21.61 9.23
N GLU A 227 3.24 22.36 9.62
CA GLU A 227 3.96 23.19 8.66
C GLU A 227 4.77 22.35 7.68
N THR A 228 5.41 21.29 8.17
CA THR A 228 6.16 20.40 7.29
C THR A 228 5.23 19.71 6.30
N MET A 229 4.08 19.23 6.78
CA MET A 229 3.11 18.62 5.88
C MET A 229 2.63 19.61 4.83
N ARG A 230 2.28 20.83 5.26
CA ARG A 230 1.86 21.85 4.30
C ARG A 230 2.98 22.22 3.34
N ARG A 231 4.22 22.20 3.81
CA ARG A 231 5.34 22.55 2.94
C ARG A 231 5.55 21.49 1.85
N VAL A 232 5.57 20.21 2.24
CA VAL A 232 5.70 19.14 1.25
C VAL A 232 4.52 19.14 0.30
N LYS A 233 3.32 19.38 0.82
CA LYS A 233 2.12 19.44 -0.03
C LYS A 233 2.22 20.57 -1.05
N GLY A 234 2.62 21.76 -0.60
CA GLY A 234 2.78 22.87 -1.51
C GLY A 234 3.82 22.60 -2.59
N ILE A 235 4.90 21.92 -2.22
CA ILE A 235 5.92 21.54 -3.20
C ILE A 235 5.33 20.59 -4.24
N LEU A 236 4.63 19.56 -3.77
CA LEU A 236 4.07 18.57 -4.71
C LEU A 236 3.00 19.18 -5.61
N GLU A 237 2.26 20.16 -5.12
CA GLU A 237 1.21 20.76 -5.92
C GLU A 237 1.76 21.53 -7.12
N GLN A 238 3.03 21.93 -7.07
CA GLN A 238 3.65 22.66 -8.17
C GLN A 238 3.81 21.81 -9.42
N TYR A 239 3.61 20.50 -9.30
CA TYR A 239 3.74 19.57 -10.42
C TYR A 239 2.38 19.08 -10.94
N GLY A 240 1.28 19.70 -10.49
CA GLY A 240 -0.01 19.58 -11.15
C GLY A 240 -1.00 18.64 -10.50
N HIS A 241 -0.54 17.71 -9.66
CA HIS A 241 -1.43 16.69 -9.13
C HIS A 241 -2.21 17.18 -7.93
N LYS A 242 -3.34 16.52 -7.67
CA LYS A 242 -4.11 16.78 -6.45
C LYS A 242 -3.40 16.16 -5.27
N VAL A 243 -3.11 16.97 -4.25
CA VAL A 243 -2.33 16.53 -3.10
C VAL A 243 -3.13 16.81 -1.83
N MET A 244 -3.27 15.80 -0.98
CA MET A 244 -4.03 15.95 0.25
C MET A 244 -3.41 15.08 1.34
N PHE A 245 -3.67 15.47 2.58
CA PHE A 245 -3.20 14.71 3.74
C PHE A 245 -4.23 14.78 4.86
FE1 SF4 B . 7.39 -1.47 4.74
FE2 SF4 B . 4.73 -2.02 4.36
FE3 SF4 B . 5.98 -2.77 6.69
FE4 SF4 B . 6.56 -4.05 4.32
S1 SF4 B . 4.56 -4.04 5.42
S2 SF4 B . 8.06 -3.31 5.90
S3 SF4 B . 6.41 -2.31 2.86
S4 SF4 B . 5.64 -0.64 5.94
N SAM C . 3.13 -3.19 2.64
CA SAM C . 2.39 -2.22 1.85
C SAM C . 3.11 -0.88 1.85
O SAM C . 3.80 -0.53 2.85
OXT SAM C . 3.02 -0.12 0.86
CB SAM C . 0.96 -2.07 2.40
CG SAM C . 0.91 -2.36 3.90
SD SAM C . 1.27 -0.94 4.83
CE SAM C . 1.75 -1.41 6.43
C5' SAM C . -0.10 0.10 4.87
C4' SAM C . 0.27 1.63 4.89
O4' SAM C . 0.69 2.09 6.23
C3' SAM C . 1.42 1.99 3.92
O3' SAM C . 1.11 3.21 3.22
C2' SAM C . 2.58 2.22 4.88
O2' SAM C . 3.60 3.06 4.28
C1' SAM C . 1.86 2.94 6.02
N9 SAM C . 2.67 2.97 7.22
C8 SAM C . 3.42 1.98 7.71
N7 SAM C . 4.01 2.42 8.83
C5 SAM C . 3.61 3.69 9.04
C6 SAM C . 3.91 4.61 10.04
N6 SAM C . 4.80 4.23 11.12
N1 SAM C . 3.38 5.81 9.99
C2 SAM C . 2.55 6.15 8.98
N3 SAM C . 2.26 5.26 8.01
C4 SAM C . 2.78 4.03 8.04
K K D . 0.53 1.04 -0.06
CL CL E . 12.01 -16.45 -8.12
CL CL F . 8.95 -4.52 -17.01
CL CL G . -2.57 -5.75 11.39
#